data_9BRX
#
_entry.id   9BRX
#
_cell.length_a   81.998
_cell.length_b   81.998
_cell.length_c   134.674
_cell.angle_alpha   90.000
_cell.angle_beta   90.000
_cell.angle_gamma   120.000
#
_symmetry.space_group_name_H-M   'P 32 2 1'
#
loop_
_entity.id
_entity.type
_entity.pdbx_description
1 polymer 'Papain-like protease nsp3'
2 non-polymer (4R)-N-(2,4-dimethylphenyl)-7-methyl[1,2,4]triazolo[4,3-a]pyrimidin-5-amine
3 non-polymer 'ZINC ION'
4 non-polymer 'SULFATE ION'
5 water water
#
_entity_poly.entity_id   1
_entity_poly.type   'polypeptide(L)'
_entity_poly.pdbx_seq_one_letter_code
;MREVRTIKVFTTVDNINLHTQVVDMSMTYGQQFGPTYLDGADVTKIKPHNSHEGKTFYVLPNDDTLRVEAFEYYHTTDPS
FLGRYMSALNHTKKWKYPQVNGLTSIKWADNNCYLATALLTLQQIELKFNPPALQDAYYRARAGEAANFCALILAYCNKT
VGELGDVRETMSYLFQHANLDSCKRVLNVVCKTCGQQQTTLKGVEAVMYMGTLSYEQFKKGVQIPCTCGKQATKYLVQQE
SPFVMMSAPPAQYELKHGTFTCASEYTGNYQCGHYKHITSKETLYCIDGALLTKSSEYKGPITDVFYKENSYTTTIKP
;
_entity_poly.pdbx_strand_id   AA
#
loop_
_chem_comp.id
_chem_comp.type
_chem_comp.name
_chem_comp.formula
A1ASL non-polymer (4R)-N-(2,4-dimethylphenyl)-7-methyl[1,2,4]triazolo[4,3-a]pyrimidin-5-amine 'C14 H15 N5'
SO4 non-polymer 'SULFATE ION' 'O4 S -2'
ZN non-polymer 'ZINC ION' 'Zn 2'
#
# COMPACT_ATOMS: atom_id res chain seq x y z
N MET A 1 -45.01 25.22 8.37
CA MET A 1 -44.21 25.54 9.54
C MET A 1 -43.19 26.62 9.16
N ARG A 2 -41.93 26.22 9.02
CA ARG A 2 -40.82 27.11 8.73
C ARG A 2 -40.70 27.25 7.23
N GLU A 3 -40.52 28.48 6.75
CA GLU A 3 -40.24 28.71 5.34
C GLU A 3 -39.09 27.81 4.91
N VAL A 4 -39.24 27.17 3.75
CA VAL A 4 -38.21 26.26 3.24
C VAL A 4 -37.04 27.09 2.70
N ARG A 5 -35.82 26.72 3.10
CA ARG A 5 -34.61 27.31 2.58
C ARG A 5 -33.72 26.21 2.02
N THR A 6 -33.08 26.48 0.89
CA THR A 6 -32.23 25.52 0.22
C THR A 6 -30.88 26.14 -0.14
N ILE A 7 -29.89 25.28 -0.35
CA ILE A 7 -28.62 25.67 -0.97
C ILE A 7 -28.29 24.62 -2.01
N LYS A 8 -27.44 25.01 -2.96
CA LYS A 8 -26.94 24.08 -3.97
C LYS A 8 -25.62 23.52 -3.48
N VAL A 9 -25.47 22.20 -3.56
CA VAL A 9 -24.20 21.54 -3.27
C VAL A 9 -23.97 20.52 -4.37
N PHE A 10 -22.78 19.92 -4.37
CA PHE A 10 -22.45 18.89 -5.35
C PHE A 10 -22.10 17.60 -4.61
N THR A 11 -22.55 16.47 -5.14
CA THR A 11 -22.15 15.18 -4.61
C THR A 11 -21.23 14.49 -5.60
N THR A 12 -20.44 13.56 -5.09
CA THR A 12 -19.41 12.90 -5.89
C THR A 12 -19.07 11.57 -5.23
N VAL A 13 -18.53 10.66 -6.04
CA VAL A 13 -17.81 9.51 -5.50
C VAL A 13 -16.33 9.53 -5.83
N ASP A 14 -15.89 10.37 -6.80
CA ASP A 14 -14.48 10.39 -7.17
C ASP A 14 -13.84 11.78 -7.09
N ASN A 15 -14.57 12.79 -6.63
CA ASN A 15 -14.08 14.17 -6.52
C ASN A 15 -13.74 14.79 -7.89
N ILE A 16 -14.20 14.18 -8.98
CA ILE A 16 -13.98 14.71 -10.32
C ILE A 16 -15.34 14.94 -10.96
N ASN A 17 -16.13 13.88 -11.10
CA ASN A 17 -17.48 14.00 -11.65
C ASN A 17 -18.42 14.49 -10.56
N LEU A 18 -19.04 15.65 -10.78
CA LEU A 18 -19.89 16.29 -9.79
C LEU A 18 -21.36 16.13 -10.18
N HIS A 19 -22.23 16.12 -9.16
CA HIS A 19 -23.66 15.92 -9.35
C HIS A 19 -24.40 17.01 -8.59
N THR A 20 -25.09 17.90 -9.32
CA THR A 20 -25.78 19.02 -8.70
C THR A 20 -26.90 18.53 -7.81
N GLN A 21 -26.99 19.08 -6.60
CA GLN A 21 -28.04 18.77 -5.65
C GLN A 21 -28.59 20.05 -5.05
N VAL A 22 -29.89 20.07 -4.80
CA VAL A 22 -30.52 21.15 -4.04
C VAL A 22 -30.99 20.55 -2.72
N VAL A 23 -30.44 21.02 -1.61
CA VAL A 23 -30.73 20.40 -0.32
C VAL A 23 -31.55 21.36 0.53
N ASP A 24 -32.41 20.76 1.36
CA ASP A 24 -33.28 21.47 2.28
C ASP A 24 -32.53 21.67 3.58
N MET A 25 -32.42 22.92 4.02
CA MET A 25 -31.56 23.20 5.16
C MET A 25 -32.16 22.73 6.49
N SER A 26 -33.40 22.24 6.47
CA SER A 26 -34.04 21.73 7.67
C SER A 26 -33.89 20.23 7.86
N MET A 27 -33.30 19.53 6.88
CA MET A 27 -33.07 18.10 6.97
C MET A 27 -31.57 17.82 6.99
N THR A 28 -31.18 16.73 7.65
CA THR A 28 -29.77 16.37 7.67
C THR A 28 -29.33 15.92 6.29
N TYR A 29 -28.01 15.94 6.07
CA TYR A 29 -27.48 15.34 4.86
C TYR A 29 -27.88 13.87 4.76
N GLY A 30 -27.85 13.16 5.89
CA GLY A 30 -28.21 11.74 5.90
C GLY A 30 -29.63 11.47 5.40
N GLN A 31 -30.59 12.31 5.83
CA GLN A 31 -31.95 12.14 5.35
C GLN A 31 -32.07 12.36 3.84
N GLN A 32 -31.13 13.08 3.24
CA GLN A 32 -31.26 13.41 1.82
C GLN A 32 -30.34 12.61 0.92
N PHE A 33 -29.15 12.24 1.40
CA PHE A 33 -28.15 11.56 0.58
C PHE A 33 -27.79 10.16 1.06
N GLY A 34 -28.16 9.78 2.28
CA GLY A 34 -27.48 8.68 2.94
C GLY A 34 -26.20 9.21 3.54
N PRO A 35 -25.30 8.32 3.95
CA PRO A 35 -24.04 8.78 4.56
C PRO A 35 -23.32 9.79 3.67
N THR A 36 -22.84 10.87 4.29
CA THR A 36 -22.30 12.02 3.57
C THR A 36 -21.06 12.53 4.27
N TYR A 37 -20.04 12.92 3.49
CA TYR A 37 -18.76 13.31 4.03
C TYR A 37 -18.28 14.58 3.36
N LEU A 38 -17.63 15.45 4.15
CA LEU A 38 -17.08 16.71 3.67
C LEU A 38 -15.58 16.69 3.95
N ASP A 39 -14.79 16.48 2.90
CA ASP A 39 -13.35 16.23 3.00
C ASP A 39 -13.02 15.29 4.16
N GLY A 40 -13.76 14.17 4.21
CA GLY A 40 -13.48 13.12 5.17
C GLY A 40 -14.29 13.19 6.44
N ALA A 41 -14.78 14.37 6.81
CA ALA A 41 -15.62 14.50 7.99
C ALA A 41 -17.01 13.95 7.72
N ASP A 42 -17.53 13.16 8.67
CA ASP A 42 -18.87 12.59 8.55
C ASP A 42 -19.90 13.67 8.87
N VAL A 43 -20.64 14.13 7.86
CA VAL A 43 -21.67 15.15 8.07
C VAL A 43 -23.06 14.56 7.94
N THR A 44 -23.20 13.23 8.10
CA THR A 44 -24.49 12.58 7.91
C THR A 44 -25.57 13.17 8.83
N LYS A 45 -25.21 13.47 10.09
CA LYS A 45 -26.18 13.94 11.08
C LYS A 45 -26.21 15.46 11.20
N ILE A 46 -25.57 16.17 10.26
CA ILE A 46 -25.48 17.62 10.27
C ILE A 46 -26.47 18.20 9.27
N LYS A 47 -27.11 19.37 9.64
CA LYS A 47 -27.97 20.00 8.64
C LYS A 47 -27.17 21.05 7.86
N PRO A 48 -27.52 21.27 6.60
CA PRO A 48 -26.74 22.20 5.76
C PRO A 48 -26.54 23.58 6.37
N HIS A 49 -25.30 24.09 6.28
CA HIS A 49 -24.98 25.48 6.61
C HIS A 49 -24.78 26.29 5.35
N ASN A 50 -25.00 27.61 5.48
CA ASN A 50 -24.82 28.51 4.35
C ASN A 50 -23.41 28.40 3.77
N SER A 51 -22.41 28.17 4.62
CA SER A 51 -21.03 28.05 4.15
C SER A 51 -20.84 26.83 3.26
N HIS A 52 -21.77 25.87 3.29
CA HIS A 52 -21.66 24.67 2.47
C HIS A 52 -21.97 24.91 1.00
N GLU A 53 -22.57 26.05 0.65
CA GLU A 53 -23.08 26.19 -0.71
C GLU A 53 -21.94 26.14 -1.72
N GLY A 54 -22.13 25.35 -2.77
CA GLY A 54 -21.13 25.19 -3.80
C GLY A 54 -20.04 24.19 -3.48
N LYS A 55 -20.05 23.60 -2.28
CA LYS A 55 -19.01 22.65 -1.90
C LYS A 55 -19.35 21.24 -2.39
N THR A 56 -18.32 20.40 -2.39
CA THR A 56 -18.41 19.02 -2.85
C THR A 56 -18.44 18.08 -1.65
N PHE A 57 -19.43 17.19 -1.62
CA PHE A 57 -19.58 16.17 -0.59
C PHE A 57 -19.44 14.78 -1.21
N TYR A 58 -18.71 13.89 -0.54
CA TYR A 58 -18.73 12.48 -0.93
C TYR A 58 -19.98 11.80 -0.41
N VAL A 59 -20.55 10.91 -1.22
CA VAL A 59 -21.67 10.07 -0.83
C VAL A 59 -21.30 8.63 -1.21
N LEU A 60 -22.16 7.69 -0.82
CA LEU A 60 -21.98 6.30 -1.21
C LEU A 60 -22.58 6.08 -2.60
N PRO A 61 -22.10 5.07 -3.36
CA PRO A 61 -22.66 4.87 -4.71
C PRO A 61 -24.07 4.29 -4.65
N ASN A 62 -25.07 5.17 -4.76
CA ASN A 62 -26.45 4.81 -4.45
C ASN A 62 -27.39 4.93 -5.66
N ASP A 63 -26.84 5.11 -6.87
CA ASP A 63 -27.58 4.95 -8.11
C ASP A 63 -26.60 4.40 -9.14
N ASP A 64 -27.11 4.06 -10.33
CA ASP A 64 -26.27 3.37 -11.31
C ASP A 64 -25.13 4.24 -11.81
N THR A 65 -25.39 5.54 -12.01
CA THR A 65 -24.32 6.43 -12.46
C THR A 65 -23.16 6.43 -11.47
N LEU A 66 -23.48 6.53 -10.18
CA LEU A 66 -22.44 6.59 -9.15
C LEU A 66 -21.73 5.24 -9.01
N ARG A 67 -22.46 4.13 -9.15
CA ARG A 67 -21.83 2.81 -9.10
C ARG A 67 -20.77 2.67 -10.19
N VAL A 68 -21.08 3.06 -11.42
CA VAL A 68 -20.12 2.98 -12.52
C VAL A 68 -18.93 3.91 -12.27
N GLU A 69 -19.22 5.15 -11.88
CA GLU A 69 -18.14 6.09 -11.57
C GLU A 69 -17.23 5.54 -10.48
N ALA A 70 -17.81 4.95 -9.43
CA ALA A 70 -16.99 4.46 -8.34
C ALA A 70 -16.14 3.26 -8.78
N PHE A 71 -16.73 2.34 -9.55
CA PHE A 71 -15.93 1.22 -10.01
C PHE A 71 -14.82 1.68 -10.95
N GLU A 72 -15.12 2.60 -11.86
CA GLU A 72 -14.11 3.03 -12.81
C GLU A 72 -12.94 3.71 -12.11
N TYR A 73 -13.21 4.42 -11.00
CA TYR A 73 -12.14 5.15 -10.31
C TYR A 73 -11.37 4.27 -9.33
N TYR A 74 -12.06 3.40 -8.58
CA TYR A 74 -11.43 2.65 -7.50
C TYR A 74 -11.18 1.19 -7.81
N HIS A 75 -11.87 0.63 -8.82
CA HIS A 75 -11.77 -0.80 -9.15
C HIS A 75 -12.23 -1.69 -8.00
N THR A 76 -13.30 -1.27 -7.32
CA THR A 76 -13.93 -2.07 -6.27
C THR A 76 -15.42 -1.80 -6.29
N THR A 77 -16.19 -2.80 -5.84
CA THR A 77 -17.62 -2.64 -5.60
C THR A 77 -17.96 -3.02 -4.17
N ASP A 78 -16.97 -2.93 -3.27
CA ASP A 78 -17.21 -3.18 -1.85
C ASP A 78 -18.12 -2.09 -1.30
N PRO A 79 -19.30 -2.41 -0.77
CA PRO A 79 -20.24 -1.35 -0.38
C PRO A 79 -19.69 -0.38 0.64
N SER A 80 -18.83 -0.83 1.55
CA SER A 80 -18.34 0.08 2.59
C SER A 80 -17.07 0.81 2.20
N PHE A 81 -16.58 0.67 0.96
CA PHE A 81 -15.27 1.22 0.63
C PHE A 81 -15.21 2.72 0.87
N LEU A 82 -16.16 3.47 0.34
CA LEU A 82 -16.05 4.93 0.42
C LEU A 82 -16.16 5.40 1.86
N GLY A 83 -16.98 4.74 2.67
CA GLY A 83 -17.04 5.09 4.09
C GLY A 83 -15.71 4.87 4.80
N ARG A 84 -15.05 3.73 4.51
CA ARG A 84 -13.76 3.44 5.12
C ARG A 84 -12.68 4.40 4.62
N TYR A 85 -12.73 4.76 3.33
CA TYR A 85 -11.77 5.73 2.79
C TYR A 85 -11.93 7.08 3.46
N MET A 86 -13.18 7.56 3.58
CA MET A 86 -13.41 8.86 4.22
C MET A 86 -13.02 8.82 5.68
N SER A 87 -13.38 7.74 6.40
CA SER A 87 -13.00 7.63 7.80
C SER A 87 -11.50 7.71 7.99
N ALA A 88 -10.73 7.02 7.13
CA ALA A 88 -9.27 7.12 7.20
C ALA A 88 -8.78 8.52 6.86
N LEU A 89 -9.35 9.14 5.82
CA LEU A 89 -8.87 10.43 5.37
C LEU A 89 -9.01 11.50 6.44
N ASN A 90 -10.08 11.41 7.26
CA ASN A 90 -10.27 12.40 8.32
C ASN A 90 -9.08 12.43 9.27
N HIS A 91 -8.37 11.31 9.42
CA HIS A 91 -7.14 11.25 10.21
C HIS A 91 -5.90 11.56 9.38
N THR A 92 -5.76 10.95 8.19
CA THR A 92 -4.51 11.12 7.46
C THR A 92 -4.33 12.55 6.98
N LYS A 93 -5.42 13.30 6.78
CA LYS A 93 -5.26 14.68 6.37
C LYS A 93 -4.62 15.52 7.47
N LYS A 94 -4.54 15.01 8.69
CA LYS A 94 -3.89 15.70 9.80
C LYS A 94 -2.46 15.21 10.05
N TRP A 95 -2.04 14.12 9.42
CA TRP A 95 -0.66 13.67 9.51
C TRP A 95 0.28 14.64 8.78
N LYS A 96 1.57 14.55 9.10
CA LYS A 96 2.60 15.35 8.43
C LYS A 96 3.42 14.44 7.53
N TYR A 97 3.83 14.96 6.37
CA TYR A 97 4.52 14.17 5.33
C TYR A 97 5.83 14.86 4.97
N PRO A 98 6.85 14.75 5.83
CA PRO A 98 8.13 15.40 5.54
C PRO A 98 8.92 14.72 4.42
N GLN A 99 9.75 15.51 3.76
CA GLN A 99 10.69 14.96 2.78
C GLN A 99 11.94 14.51 3.53
N VAL A 100 12.25 13.22 3.46
CA VAL A 100 13.41 12.66 4.14
C VAL A 100 14.31 12.04 3.08
N ASN A 101 15.53 12.57 2.94
CA ASN A 101 16.47 12.12 1.91
C ASN A 101 15.81 12.06 0.53
N GLY A 102 14.99 13.06 0.23
CA GLY A 102 14.35 13.18 -1.07
C GLY A 102 13.08 12.37 -1.27
N LEU A 103 12.62 11.64 -0.25
CA LEU A 103 11.43 10.80 -0.33
C LEU A 103 10.34 11.33 0.58
N THR A 104 9.07 11.19 0.16
CA THR A 104 7.97 11.52 1.06
C THR A 104 7.87 10.46 2.15
N SER A 105 7.99 10.87 3.40
CA SER A 105 7.81 9.97 4.52
C SER A 105 6.51 10.35 5.26
N ILE A 106 6.32 9.79 6.45
CA ILE A 106 5.19 10.15 7.31
C ILE A 106 5.68 10.34 8.73
N LYS A 107 5.41 11.50 9.32
CA LYS A 107 5.70 11.66 10.74
C LYS A 107 4.85 10.70 11.56
N TRP A 108 5.44 10.10 12.60
CA TRP A 108 4.71 9.08 13.33
C TRP A 108 3.43 9.64 13.95
N ALA A 109 2.36 8.86 13.85
CA ALA A 109 1.04 9.11 14.44
C ALA A 109 0.23 7.84 14.26
N ASP A 110 -0.67 7.58 15.20
CA ASP A 110 -1.71 6.57 14.97
C ASP A 110 -1.12 5.24 14.53
N ASN A 111 0.01 4.84 15.13
CA ASN A 111 0.60 3.52 14.88
C ASN A 111 0.87 3.30 13.38
N ASN A 112 1.34 4.32 12.66
CA ASN A 112 1.38 4.29 11.20
C ASN A 112 2.74 3.91 10.62
N CYS A 113 3.63 3.30 11.39
CA CYS A 113 4.96 3.11 10.83
C CYS A 113 4.99 2.08 9.70
N TYR A 114 4.07 1.11 9.70
CA TYR A 114 4.04 0.20 8.55
C TYR A 114 3.67 0.94 7.27
N LEU A 115 2.83 1.98 7.38
CA LEU A 115 2.48 2.76 6.20
C LEU A 115 3.66 3.60 5.75
N ALA A 116 4.41 4.16 6.69
CA ALA A 116 5.59 4.94 6.32
C ALA A 116 6.57 4.10 5.52
N THR A 117 6.87 2.88 5.98
CA THR A 117 7.89 2.14 5.23
C THR A 117 7.34 1.63 3.90
N ALA A 118 6.04 1.33 3.82
CA ALA A 118 5.45 0.97 2.53
C ALA A 118 5.55 2.14 1.56
N LEU A 119 5.21 3.35 2.02
CA LEU A 119 5.25 4.53 1.14
C LEU A 119 6.67 4.81 0.67
N LEU A 120 7.65 4.71 1.57
CA LEU A 120 9.05 4.92 1.21
C LEU A 120 9.51 3.89 0.19
N THR A 121 9.08 2.64 0.37
CA THR A 121 9.49 1.57 -0.54
C THR A 121 8.97 1.81 -1.95
N LEU A 122 7.71 2.23 -2.07
CA LEU A 122 7.11 2.41 -3.40
C LEU A 122 7.90 3.41 -4.22
N GLN A 123 8.42 4.46 -3.57
CA GLN A 123 9.16 5.51 -4.26
C GLN A 123 10.54 5.07 -4.73
N GLN A 124 10.94 3.82 -4.44
CA GLN A 124 12.22 3.31 -4.88
C GLN A 124 12.11 2.12 -5.83
N ILE A 125 10.90 1.71 -6.22
CA ILE A 125 10.71 0.61 -7.16
C ILE A 125 9.82 1.07 -8.31
N GLU A 126 9.99 0.40 -9.46
CA GLU A 126 9.24 0.69 -10.66
C GLU A 126 7.87 0.03 -10.58
N LEU A 127 6.81 0.82 -10.50
CA LEU A 127 5.46 0.29 -10.30
C LEU A 127 4.46 1.32 -10.80
N LYS A 128 3.50 0.89 -11.61
CA LYS A 128 2.39 1.72 -12.05
C LYS A 128 1.08 1.10 -11.54
N PHE A 129 0.21 1.93 -10.95
CA PHE A 129 -1.06 1.44 -10.41
C PHE A 129 -2.12 1.43 -11.51
N ASN A 130 -3.11 0.56 -11.33
CA ASN A 130 -4.18 0.43 -12.33
C ASN A 130 -5.39 1.30 -11.99
N PRO A 131 -5.90 1.31 -10.75
CA PRO A 131 -7.03 2.23 -10.43
C PRO A 131 -6.63 3.69 -10.59
N PRO A 132 -7.39 4.48 -11.35
CA PRO A 132 -7.13 5.92 -11.38
C PRO A 132 -7.02 6.57 -9.99
N ALA A 133 -7.77 6.07 -9.00
CA ALA A 133 -7.68 6.64 -7.65
C ALA A 133 -6.26 6.52 -7.11
N LEU A 134 -5.62 5.36 -7.31
CA LEU A 134 -4.26 5.18 -6.82
C LEU A 134 -3.26 5.93 -7.70
N GLN A 135 -3.48 5.95 -9.02
CA GLN A 135 -2.61 6.73 -9.88
C GLN A 135 -2.58 8.18 -9.43
N ASP A 136 -3.76 8.78 -9.23
CA ASP A 136 -3.84 10.21 -8.91
C ASP A 136 -3.27 10.49 -7.53
N ALA A 137 -3.60 9.66 -6.55
CA ALA A 137 -3.15 9.88 -5.18
C ALA A 137 -1.66 9.63 -5.04
N TYR A 138 -1.12 8.65 -5.76
CA TYR A 138 0.31 8.38 -5.67
C TYR A 138 1.13 9.54 -6.22
N TYR A 139 0.66 10.13 -7.32
CA TYR A 139 1.31 11.31 -7.89
C TYR A 139 1.36 12.45 -6.87
N ARG A 140 0.23 12.71 -6.20
CA ARG A 140 0.21 13.73 -5.15
C ARG A 140 1.15 13.34 -4.01
N ALA A 141 1.17 12.05 -3.64
CA ALA A 141 2.01 11.61 -2.54
C ALA A 141 3.47 11.83 -2.85
N ARG A 142 3.89 11.53 -4.09
CA ARG A 142 5.28 11.78 -4.47
C ARG A 142 5.61 13.25 -4.35
N ALA A 143 4.65 14.12 -4.65
CA ALA A 143 4.86 15.55 -4.54
C ALA A 143 4.85 16.03 -3.09
N GLY A 144 4.43 15.19 -2.15
CA GLY A 144 4.43 15.55 -0.73
C GLY A 144 3.05 15.63 -0.08
N GLU A 145 1.96 15.55 -0.85
CA GLU A 145 0.61 15.58 -0.29
C GLU A 145 0.03 14.16 -0.31
N ALA A 146 0.44 13.36 0.66
CA ALA A 146 0.17 11.93 0.68
C ALA A 146 -1.09 11.53 1.46
N ALA A 147 -1.91 12.49 1.94
CA ALA A 147 -3.02 12.12 2.80
C ALA A 147 -4.03 11.21 2.09
N ASN A 148 -4.36 11.53 0.83
CA ASN A 148 -5.34 10.68 0.13
C ASN A 148 -4.75 9.31 -0.18
N PHE A 149 -3.48 9.25 -0.58
CA PHE A 149 -2.85 7.96 -0.85
C PHE A 149 -2.85 7.08 0.39
N CYS A 150 -2.51 7.64 1.56
CA CYS A 150 -2.47 6.83 2.76
C CYS A 150 -3.85 6.34 3.16
N ALA A 151 -4.88 7.18 2.98
CA ALA A 151 -6.23 6.76 3.30
C ALA A 151 -6.70 5.68 2.34
N LEU A 152 -6.29 5.75 1.07
CA LEU A 152 -6.63 4.70 0.12
C LEU A 152 -5.93 3.38 0.48
N ILE A 153 -4.66 3.43 0.89
CA ILE A 153 -4.00 2.18 1.31
C ILE A 153 -4.80 1.52 2.42
N LEU A 154 -5.20 2.30 3.42
CA LEU A 154 -6.01 1.76 4.51
C LEU A 154 -7.31 1.14 3.99
N ALA A 155 -8.02 1.85 3.11
CA ALA A 155 -9.30 1.34 2.62
C ALA A 155 -9.12 0.09 1.78
N TYR A 156 -8.14 0.07 0.88
CA TYR A 156 -7.91 -1.11 0.05
C TYR A 156 -7.50 -2.32 0.89
N CYS A 157 -6.76 -2.09 1.96
CA CYS A 157 -6.31 -3.17 2.84
C CYS A 157 -7.29 -3.51 3.95
N ASN A 158 -8.47 -2.86 4.03
CA ASN A 158 -9.39 -3.09 5.15
C ASN A 158 -8.70 -2.98 6.50
N LYS A 159 -7.90 -1.94 6.66
CA LYS A 159 -7.32 -1.59 7.94
C LYS A 159 -7.86 -0.22 8.33
N THR A 160 -8.21 -0.06 9.60
CA THR A 160 -8.55 1.28 10.10
C THR A 160 -7.31 1.96 10.67
N VAL A 161 -7.40 3.30 10.74
CA VAL A 161 -6.34 4.08 11.38
C VAL A 161 -6.07 3.54 12.77
N GLY A 162 -4.79 3.30 13.07
CA GLY A 162 -4.39 2.76 14.37
C GLY A 162 -4.27 1.26 14.45
N GLU A 163 -4.88 0.54 13.51
CA GLU A 163 -4.90 -0.92 13.57
C GLU A 163 -3.54 -1.50 13.17
N LEU A 164 -3.16 -2.59 13.85
CA LEU A 164 -1.93 -3.29 13.54
C LEU A 164 -1.85 -3.69 12.06
N GLY A 165 -0.76 -3.36 11.40
CA GLY A 165 -0.59 -3.67 9.99
C GLY A 165 0.73 -4.36 9.70
N ASP A 166 0.73 -5.18 8.63
CA ASP A 166 1.90 -5.94 8.20
C ASP A 166 2.35 -5.41 6.85
N VAL A 167 3.65 -5.11 6.73
CA VAL A 167 4.15 -4.51 5.50
C VAL A 167 4.03 -5.49 4.32
N ARG A 168 4.39 -6.75 4.53
CA ARG A 168 4.35 -7.69 3.41
C ARG A 168 2.92 -7.81 2.88
N GLU A 169 1.94 -7.90 3.79
CA GLU A 169 0.55 -7.99 3.37
C GLU A 169 0.08 -6.72 2.65
N THR A 170 0.50 -5.55 3.16
CA THR A 170 0.12 -4.28 2.53
C THR A 170 0.67 -4.19 1.11
N MET A 171 1.94 -4.60 0.94
CA MET A 171 2.55 -4.55 -0.38
C MET A 171 1.83 -5.49 -1.32
N SER A 172 1.39 -6.64 -0.82
CA SER A 172 0.70 -7.61 -1.67
C SER A 172 -0.60 -7.03 -2.17
N TYR A 173 -1.33 -6.34 -1.29
CA TYR A 173 -2.57 -5.69 -1.70
C TYR A 173 -2.32 -4.64 -2.77
N LEU A 174 -1.29 -3.81 -2.56
CA LEU A 174 -1.00 -2.75 -3.51
C LEU A 174 -0.53 -3.32 -4.85
N PHE A 175 0.24 -4.43 -4.81
CA PHE A 175 0.68 -5.06 -6.05
C PHE A 175 -0.48 -5.66 -6.84
N GLN A 176 -1.52 -6.14 -6.14
CA GLN A 176 -2.71 -6.64 -6.82
C GLN A 176 -3.38 -5.56 -7.66
N HIS A 177 -3.20 -4.29 -7.29
CA HIS A 177 -3.76 -3.17 -8.05
C HIS A 177 -2.72 -2.49 -8.93
N ALA A 178 -1.63 -3.18 -9.25
CA ALA A 178 -0.58 -2.61 -10.09
C ALA A 178 -0.40 -3.49 -11.32
N ASN A 179 0.25 -2.93 -12.35
CA ASN A 179 0.37 -3.65 -13.62
C ASN A 179 1.67 -4.43 -13.53
N LEU A 180 1.58 -5.70 -13.14
CA LEU A 180 2.73 -6.60 -13.12
C LEU A 180 2.61 -7.69 -14.17
N ASP A 181 1.81 -7.44 -15.22
CA ASP A 181 1.49 -8.50 -16.17
C ASP A 181 2.73 -9.03 -16.88
N SER A 182 3.73 -8.18 -17.11
CA SER A 182 4.94 -8.59 -17.79
C SER A 182 5.99 -9.19 -16.84
N CYS A 183 5.62 -9.50 -15.60
CA CYS A 183 6.55 -10.15 -14.68
C CYS A 183 6.42 -11.67 -14.76
N LYS A 184 7.56 -12.36 -14.76
CA LYS A 184 7.58 -13.81 -14.90
C LYS A 184 8.67 -14.37 -14.01
N ARG A 185 8.38 -15.54 -13.41
CA ARG A 185 9.33 -16.24 -12.54
C ARG A 185 9.25 -17.72 -12.84
N VAL A 186 10.40 -18.37 -13.02
CA VAL A 186 10.46 -19.82 -13.13
C VAL A 186 11.32 -20.36 -11.99
N LEU A 187 10.78 -21.32 -11.24
CA LEU A 187 11.48 -21.98 -10.13
C LEU A 187 11.65 -23.45 -10.44
N ASN A 188 12.67 -24.05 -9.85
CA ASN A 188 12.84 -25.50 -9.93
C ASN A 188 13.01 -26.04 -8.51
N VAL A 189 12.40 -27.18 -8.25
CA VAL A 189 12.54 -27.90 -6.98
C VAL A 189 13.18 -29.24 -7.30
N VAL A 190 14.22 -29.60 -6.55
CA VAL A 190 14.97 -30.84 -6.79
C VAL A 190 14.96 -31.65 -5.50
N CYS A 191 14.41 -32.86 -5.58
CA CYS A 191 14.41 -33.80 -4.47
C CYS A 191 15.22 -35.03 -4.88
N LYS A 192 16.15 -35.43 -4.01
CA LYS A 192 17.03 -36.56 -4.35
C LYS A 192 16.24 -37.84 -4.54
N THR A 193 15.07 -37.94 -3.90
CA THR A 193 14.18 -39.08 -4.10
C THR A 193 13.32 -38.90 -5.35
N CYS A 194 12.52 -37.83 -5.38
CA CYS A 194 11.45 -37.71 -6.37
C CYS A 194 11.93 -37.20 -7.72
N GLY A 195 13.06 -36.50 -7.78
CA GLY A 195 13.48 -35.90 -9.03
C GLY A 195 13.33 -34.39 -9.01
N GLN A 196 12.78 -33.82 -10.08
CA GLN A 196 12.74 -32.36 -10.17
C GLN A 196 11.50 -31.91 -10.92
N GLN A 197 11.04 -30.70 -10.58
CA GLN A 197 9.82 -30.16 -11.18
C GLN A 197 9.88 -28.64 -11.21
N GLN A 198 9.67 -28.06 -12.39
CA GLN A 198 9.61 -26.61 -12.56
C GLN A 198 8.21 -26.07 -12.35
N THR A 199 8.16 -24.78 -11.99
CA THR A 199 6.92 -24.05 -11.81
C THR A 199 7.12 -22.65 -12.37
N THR A 200 6.10 -22.14 -13.06
CA THR A 200 6.12 -20.78 -13.57
C THR A 200 5.11 -19.95 -12.81
N LEU A 201 5.54 -18.77 -12.35
CA LEU A 201 4.71 -17.84 -11.61
C LEU A 201 4.61 -16.53 -12.39
N LYS A 202 3.46 -15.86 -12.23
CA LYS A 202 3.14 -14.66 -12.98
C LYS A 202 2.61 -13.58 -12.05
N GLY A 203 2.78 -12.32 -12.47
CA GLY A 203 2.16 -11.22 -11.73
C GLY A 203 2.77 -11.06 -10.35
N VAL A 204 1.91 -10.84 -9.36
CA VAL A 204 2.37 -10.60 -7.99
C VAL A 204 3.18 -11.79 -7.48
N GLU A 205 2.73 -13.01 -7.81
CA GLU A 205 3.46 -14.20 -7.40
C GLU A 205 4.84 -14.26 -8.03
N ALA A 206 5.07 -13.51 -9.11
CA ALA A 206 6.37 -13.53 -9.74
C ALA A 206 7.39 -12.65 -9.02
N VAL A 207 6.95 -11.72 -8.17
CA VAL A 207 7.87 -10.76 -7.57
C VAL A 207 7.97 -10.90 -6.06
N MET A 208 7.16 -11.75 -5.43
CA MET A 208 7.18 -11.90 -3.97
C MET A 208 7.59 -13.32 -3.61
N TYR A 209 8.48 -13.46 -2.62
CA TYR A 209 8.83 -14.78 -2.08
C TYR A 209 8.88 -14.70 -0.55
N MET A 210 8.30 -15.70 0.10
CA MET A 210 8.29 -15.78 1.57
C MET A 210 9.13 -16.96 2.00
N GLY A 211 10.21 -16.69 2.73
CA GLY A 211 11.03 -17.76 3.27
C GLY A 211 12.50 -17.45 3.43
N THR A 212 13.01 -16.49 2.67
CA THR A 212 14.38 -16.03 2.83
C THR A 212 14.45 -14.58 2.41
N LEU A 213 15.32 -13.81 3.06
CA LEU A 213 15.55 -12.42 2.69
C LEU A 213 16.57 -12.25 1.58
N SER A 214 17.41 -13.26 1.35
CA SER A 214 18.57 -13.13 0.46
C SER A 214 18.18 -13.54 -0.95
N TYR A 215 18.31 -12.61 -1.89
CA TYR A 215 18.09 -12.94 -3.29
C TYR A 215 19.19 -13.86 -3.81
N GLU A 216 20.43 -13.64 -3.36
CA GLU A 216 21.53 -14.52 -3.75
C GLU A 216 21.28 -15.95 -3.30
N GLN A 217 20.82 -16.13 -2.06
CA GLN A 217 20.53 -17.48 -1.56
C GLN A 217 19.41 -18.14 -2.37
N PHE A 218 18.42 -17.34 -2.78
CA PHE A 218 17.32 -17.83 -3.61
C PHE A 218 17.83 -18.34 -4.96
N LYS A 219 18.83 -17.68 -5.53
CA LYS A 219 19.45 -18.15 -6.77
C LYS A 219 20.27 -19.42 -6.54
N LYS A 220 20.90 -19.53 -5.37
CA LYS A 220 21.70 -20.71 -5.06
C LYS A 220 20.83 -21.90 -4.67
N GLY A 221 19.72 -21.63 -4.00
CA GLY A 221 18.82 -22.68 -3.55
C GLY A 221 18.53 -22.58 -2.07
N VAL A 222 17.26 -22.73 -1.70
CA VAL A 222 16.83 -22.78 -0.31
C VAL A 222 16.23 -24.15 -0.04
N GLN A 223 16.38 -24.60 1.20
CA GLN A 223 15.95 -25.95 1.58
C GLN A 223 14.51 -25.91 2.06
N ILE A 224 13.67 -26.76 1.48
CA ILE A 224 12.26 -26.87 1.87
C ILE A 224 11.88 -28.34 1.90
N PRO A 225 10.88 -28.70 2.70
CA PRO A 225 10.44 -30.10 2.71
C PRO A 225 9.75 -30.48 1.41
N CYS A 226 10.21 -31.56 0.79
CA CYS A 226 9.47 -32.12 -0.33
C CYS A 226 8.18 -32.76 0.17
N THR A 227 7.22 -32.93 -0.74
CA THR A 227 5.97 -33.59 -0.38
C THR A 227 6.17 -35.03 0.03
N CYS A 228 7.31 -35.65 -0.32
CA CYS A 228 7.62 -37.00 0.12
C CYS A 228 8.13 -37.06 1.56
N GLY A 229 8.52 -35.92 2.14
CA GLY A 229 9.03 -35.85 3.50
C GLY A 229 10.50 -35.50 3.56
N LYS A 230 11.26 -35.80 2.51
CA LYS A 230 12.68 -35.52 2.48
C LYS A 230 12.92 -34.05 2.14
N GLN A 231 14.05 -33.53 2.60
CA GLN A 231 14.40 -32.14 2.33
C GLN A 231 14.80 -31.96 0.86
N ALA A 232 14.27 -30.92 0.22
CA ALA A 232 14.54 -30.65 -1.19
C ALA A 232 15.09 -29.24 -1.33
N THR A 233 15.49 -28.88 -2.53
CA THR A 233 16.05 -27.55 -2.79
C THR A 233 15.20 -26.85 -3.85
N LYS A 234 14.84 -25.61 -3.56
CA LYS A 234 14.09 -24.77 -4.48
C LYS A 234 15.00 -23.61 -4.89
N TYR A 235 15.12 -23.35 -6.20
CA TYR A 235 15.99 -22.28 -6.64
C TYR A 235 15.40 -21.53 -7.84
N LEU A 236 15.91 -20.32 -8.06
CA LEU A 236 15.38 -19.46 -9.11
C LEU A 236 16.03 -19.80 -10.45
N VAL A 237 15.20 -20.20 -11.42
CA VAL A 237 15.66 -20.51 -12.78
C VAL A 237 15.71 -19.26 -13.66
N GLN A 238 14.63 -18.49 -13.65
CA GLN A 238 14.48 -17.33 -14.54
C GLN A 238 13.63 -16.26 -13.86
N GLN A 239 14.05 -15.00 -14.02
CA GLN A 239 13.33 -13.86 -13.46
C GLN A 239 13.25 -12.76 -14.53
N GLU A 240 12.04 -12.24 -14.75
CA GLU A 240 11.82 -11.05 -15.56
C GLU A 240 10.91 -10.11 -14.75
N SER A 241 11.47 -9.03 -14.23
CA SER A 241 10.71 -8.04 -13.47
C SER A 241 11.65 -6.87 -13.16
N PRO A 242 11.11 -5.69 -12.84
CA PRO A 242 11.98 -4.55 -12.48
C PRO A 242 12.43 -4.52 -11.04
N PHE A 243 11.85 -5.37 -10.18
CA PHE A 243 12.28 -5.54 -8.79
C PHE A 243 11.87 -6.93 -8.34
N VAL A 244 12.40 -7.34 -7.20
CA VAL A 244 11.88 -8.48 -6.45
C VAL A 244 11.80 -8.09 -4.98
N MET A 245 10.91 -8.78 -4.26
CA MET A 245 10.69 -8.57 -2.83
C MET A 245 10.88 -9.91 -2.14
N MET A 246 11.82 -9.98 -1.19
CA MET A 246 12.12 -11.20 -0.45
C MET A 246 11.69 -10.97 1.00
N SER A 247 10.90 -11.88 1.56
CA SER A 247 10.37 -11.69 2.90
C SER A 247 10.64 -12.92 3.76
N ALA A 248 10.67 -12.74 5.08
CA ALA A 248 10.84 -13.84 6.02
C ALA A 248 10.40 -13.36 7.40
N PRO A 249 10.05 -14.26 8.30
CA PRO A 249 9.80 -13.84 9.69
C PRO A 249 10.99 -13.08 10.22
N PRO A 250 10.77 -12.06 11.04
CA PRO A 250 11.88 -11.17 11.43
C PRO A 250 13.01 -11.95 12.07
N ALA A 251 14.24 -11.63 11.65
CA ALA A 251 15.42 -12.26 12.22
C ALA A 251 16.60 -11.31 12.06
N GLN A 252 17.57 -11.43 12.96
CA GLN A 252 18.78 -10.62 12.84
C GLN A 252 19.44 -10.87 11.49
N TYR A 253 19.65 -9.79 10.74
CA TYR A 253 20.12 -9.91 9.37
C TYR A 253 21.01 -8.71 9.09
N GLU A 254 22.07 -8.96 8.34
CA GLU A 254 23.06 -7.92 8.06
C GLU A 254 22.85 -7.41 6.64
N LEU A 255 22.65 -6.09 6.52
CA LEU A 255 22.35 -5.42 5.26
C LEU A 255 23.64 -4.76 4.77
N LYS A 256 24.20 -5.25 3.65
CA LYS A 256 25.43 -4.70 3.08
C LYS A 256 25.12 -3.61 2.08
N HIS A 257 25.71 -2.44 2.29
CA HIS A 257 25.61 -1.34 1.35
C HIS A 257 25.88 -1.79 -0.09
N GLY A 258 25.03 -1.36 -1.02
CA GLY A 258 25.19 -1.64 -2.44
C GLY A 258 24.64 -2.95 -2.94
N THR A 259 24.11 -3.82 -2.07
CA THR A 259 23.66 -5.15 -2.46
C THR A 259 22.14 -5.30 -2.42
N PHE A 260 21.41 -4.24 -2.12
CA PHE A 260 19.96 -4.27 -2.06
C PHE A 260 19.47 -2.85 -2.27
N THR A 261 18.17 -2.72 -2.52
CA THR A 261 17.57 -1.39 -2.73
C THR A 261 17.12 -0.78 -1.41
N CYS A 262 16.20 -1.44 -0.71
CA CYS A 262 15.72 -0.96 0.58
C CYS A 262 15.17 -2.15 1.35
N ALA A 263 14.87 -1.93 2.63
CA ALA A 263 14.44 -3.02 3.50
C ALA A 263 13.55 -2.50 4.62
N SER A 264 12.77 -3.41 5.18
CA SER A 264 11.91 -3.16 6.33
C SER A 264 12.42 -3.90 7.55
N GLU A 265 12.54 -3.18 8.66
CA GLU A 265 13.00 -3.72 9.94
C GLU A 265 11.84 -3.67 10.92
N TYR A 266 11.61 -4.78 11.61
CA TYR A 266 10.52 -4.89 12.58
C TYR A 266 11.06 -5.29 13.94
N THR A 267 10.89 -4.41 14.93
CA THR A 267 11.31 -4.64 16.31
C THR A 267 10.07 -4.86 17.16
N GLY A 268 9.90 -6.05 17.72
CA GLY A 268 8.70 -6.30 18.51
C GLY A 268 8.29 -7.77 18.42
N ASN A 269 6.97 -8.00 18.54
CA ASN A 269 6.39 -9.35 18.50
C ASN A 269 5.05 -9.29 17.76
N TYR A 270 4.25 -10.35 17.93
CA TYR A 270 3.15 -10.57 16.99
C TYR A 270 1.98 -9.64 17.27
N GLN A 271 1.91 -9.11 18.51
CA GLN A 271 0.88 -8.16 18.90
C GLN A 271 1.41 -6.74 19.09
N CYS A 272 2.74 -6.55 19.07
CA CYS A 272 3.31 -5.26 19.42
C CYS A 272 4.69 -5.03 18.79
N GLY A 273 4.82 -3.95 18.03
CA GLY A 273 6.12 -3.68 17.45
C GLY A 273 6.16 -2.37 16.70
N HIS A 274 7.27 -2.16 15.98
CA HIS A 274 7.51 -0.92 15.27
C HIS A 274 8.38 -1.21 14.06
N TYR A 275 8.05 -0.58 12.93
CA TYR A 275 8.83 -0.72 11.70
C TYR A 275 9.78 0.46 11.53
N LYS A 276 10.96 0.17 10.96
CA LYS A 276 11.83 1.19 10.38
C LYS A 276 12.17 0.78 8.95
N HIS A 277 12.68 1.74 8.19
CA HIS A 277 13.01 1.55 6.78
C HIS A 277 14.50 1.81 6.60
N ILE A 278 15.19 0.93 5.87
CA ILE A 278 16.60 1.12 5.54
C ILE A 278 16.71 1.22 4.03
N THR A 279 17.39 2.26 3.55
CA THR A 279 17.60 2.45 2.12
C THR A 279 19.09 2.56 1.82
N SER A 280 19.54 1.87 0.77
CA SER A 280 20.94 1.85 0.40
C SER A 280 21.20 2.86 -0.72
N LYS A 281 21.87 3.96 -0.37
CA LYS A 281 22.20 5.02 -1.32
C LYS A 281 23.72 5.22 -1.31
N GLU A 282 24.19 6.46 -1.18
CA GLU A 282 25.63 6.67 -1.05
C GLU A 282 26.15 6.07 0.24
N THR A 283 25.29 5.95 1.25
CA THR A 283 25.55 5.16 2.45
C THR A 283 24.23 4.52 2.85
N LEU A 284 24.18 3.90 4.04
CA LEU A 284 22.95 3.27 4.53
C LEU A 284 22.17 4.28 5.38
N TYR A 285 20.95 4.62 4.95
CA TYR A 285 20.11 5.53 5.70
C TYR A 285 18.98 4.76 6.34
N CYS A 286 18.67 5.08 7.59
CA CYS A 286 17.56 4.49 8.31
C CYS A 286 16.52 5.57 8.52
N ILE A 287 15.37 5.43 7.87
CA ILE A 287 14.29 6.41 7.97
C ILE A 287 13.24 5.84 8.91
N ASP A 288 12.94 6.57 9.96
CA ASP A 288 11.97 6.12 10.97
C ASP A 288 10.93 7.22 11.08
N GLY A 289 9.97 7.19 10.16
CA GLY A 289 9.03 8.29 10.05
C GLY A 289 9.72 9.58 9.68
N ALA A 290 9.68 10.58 10.56
CA ALA A 290 10.39 11.83 10.33
C ALA A 290 11.87 11.77 10.70
N LEU A 291 12.30 10.72 11.40
CA LEU A 291 13.67 10.60 11.90
C LEU A 291 14.58 10.02 10.85
N LEU A 292 15.84 10.45 10.86
CA LEU A 292 16.83 9.96 9.91
C LEU A 292 18.18 9.77 10.60
N THR A 293 18.80 8.60 10.41
CA THR A 293 20.17 8.33 10.83
C THR A 293 20.92 7.64 9.71
N LYS A 294 22.26 7.62 9.80
CA LYS A 294 23.14 7.01 8.79
C LYS A 294 24.11 6.04 9.48
N SER A 295 24.63 5.09 8.71
CA SER A 295 25.69 4.20 9.18
C SER A 295 26.34 3.54 7.97
N SER A 296 27.57 3.06 8.15
CA SER A 296 28.21 2.34 7.05
C SER A 296 27.81 0.87 7.00
N GLU A 297 27.41 0.29 8.14
CA GLU A 297 26.91 -1.07 8.18
C GLU A 297 25.60 -1.11 8.95
N TYR A 298 24.86 -2.20 8.78
CA TYR A 298 23.56 -2.30 9.44
C TYR A 298 23.26 -3.76 9.74
N LYS A 299 22.79 -4.00 10.97
CA LYS A 299 22.33 -5.31 11.39
C LYS A 299 21.10 -5.09 12.26
N GLY A 300 20.01 -5.78 11.94
CA GLY A 300 18.78 -5.64 12.67
C GLY A 300 17.79 -6.73 12.34
N PRO A 301 16.62 -6.70 13.01
CA PRO A 301 15.59 -7.71 12.72
C PRO A 301 14.84 -7.39 11.43
N ILE A 302 15.36 -7.86 10.31
CA ILE A 302 14.82 -7.51 9.00
C ILE A 302 13.72 -8.50 8.64
N THR A 303 12.69 -8.00 7.97
CA THR A 303 11.61 -8.86 7.53
C THR A 303 11.30 -8.77 6.03
N ASP A 304 11.70 -7.70 5.34
CA ASP A 304 11.50 -7.58 3.89
C ASP A 304 12.72 -6.91 3.27
N VAL A 305 13.19 -7.43 2.15
CA VAL A 305 14.26 -6.76 1.40
C VAL A 305 13.86 -6.67 -0.07
N PHE A 306 14.11 -5.50 -0.65
CA PHE A 306 13.80 -5.24 -2.05
C PHE A 306 15.09 -5.13 -2.85
N TYR A 307 15.09 -5.70 -4.05
CA TYR A 307 16.26 -5.71 -4.93
C TYR A 307 15.88 -5.26 -6.33
N LYS A 308 16.83 -4.64 -7.03
CA LYS A 308 16.64 -4.32 -8.45
C LYS A 308 16.78 -5.59 -9.30
N GLU A 309 16.04 -5.60 -10.41
CA GLU A 309 16.10 -6.71 -11.35
C GLU A 309 15.76 -6.17 -12.72
N ASN A 310 16.10 -6.95 -13.74
CA ASN A 310 15.59 -6.74 -15.09
C ASN A 310 15.39 -8.08 -15.76
N SER A 311 16.48 -8.79 -16.07
CA SER A 311 16.36 -10.15 -16.56
C SER A 311 17.46 -10.99 -15.93
N TYR A 312 17.09 -12.17 -15.39
CA TYR A 312 18.06 -13.10 -14.81
C TYR A 312 17.81 -14.51 -15.32
N THR A 313 18.89 -15.22 -15.66
CA THR A 313 18.82 -16.63 -16.06
C THR A 313 19.87 -17.42 -15.29
N THR A 314 19.46 -18.52 -14.67
CA THR A 314 20.39 -19.35 -13.89
C THR A 314 21.44 -20.00 -14.79
N THR A 315 22.59 -20.31 -14.18
CA THR A 315 23.58 -21.19 -14.79
C THR A 315 23.52 -22.62 -14.27
N ILE A 316 22.69 -22.89 -13.26
CA ILE A 316 22.52 -24.24 -12.72
C ILE A 316 21.96 -25.18 -13.77
N1 A1ASL B . 7.80 -30.08 -4.09
N3 A1ASL B . 7.82 -29.31 -2.04
C4 A1ASL B . 7.66 -30.29 -6.44
C5 A1ASL B . 7.93 -30.24 -2.80
C6 A1ASL B . 8.33 -33.07 -6.24
C7 A1ASL B . 9.67 -33.01 -6.98
C8 A1ASL B . 9.83 -33.72 -8.08
C10 A1ASL B . 7.53 -34.61 -7.96
C13 A1ASL B . 8.88 -35.40 -9.86
C1 A1ASL B . 7.87 -30.86 -5.21
C11 A1ASL B . 7.33 -33.79 -6.69
C12 A1ASL B . 10.82 -32.16 -6.47
C14 A1ASL B . 7.17 -28.26 -7.88
C2 A1ASL B . 7.53 -28.69 -4.23
C3 A1ASL B . 7.39 -28.89 -6.51
C9 A1ASL B . 8.67 -34.57 -8.59
N2 A1ASL B . 7.32 -28.06 -5.40
N4 A1ASL B . 7.53 -28.16 -2.87
N5 A1ASL B . 8.14 -32.27 -5.05
ZN ZN C . 10.68 -35.97 -2.60
S SO4 D . 3.84 1.43 15.34
O1 SO4 D . 4.20 0.25 14.52
O2 SO4 D . 4.91 1.70 16.31
O3 SO4 D . 3.64 2.60 14.51
O4 SO4 D . 2.58 1.13 16.03
#